data_2O45
#
_entry.id   2O45
#
_cell.length_a   170.010
_cell.length_b   411.475
_cell.length_c   697.616
_cell.angle_alpha   90
_cell.angle_beta   90
_cell.angle_gamma   90
#
_symmetry.space_group_name_H-M   'I 2 2 2'
#
loop_
_entity.id
_entity.type
_entity.pdbx_description
1 polymer '23S rRNA'
2 non-polymer '(3AS,4R,7R,8S,9S,10R,11R,13R,15R,15AR)-4-ETHYL-11-METHOXY-3A,7,9,11,13,15-HEXAMETHYL-2,6,14-TRIOXO-1-[4-(4-PYRIDIN-3-YL-1H-IMIDAZOL-1-YL)BUTYL]-10-{[3,4,6-TRIDEOXY-3-(DIMETHYLAMINO)-BETA-D-XYLO-HEXOPYRANOSYL]OXY}TETRADECAHYDRO-2H-OXACYCLOTETRADECINO[4,3-D][1,3]OXAZOL-8-YL 2,6-DIDEOXY-3-C-METHYL-3-O-METHYL-ALPHA-L-RIBO-HEXOPYRANOSIDE'
#
_entity_poly.entity_id   1
_entity_poly.type   'polyribonucleotide'
_entity_poly.pdbx_seq_one_letter_code
;GGUCAAGAUAGUAAGGGUCCACGGUGGAUGCCCUGGCGCUGGAGCCGAUGAAGGACGCGAUUACCUGCGAAAAGCCCCGA
CGAGCUGGAGAUACGCUUUGACUCGGGGAUGUCCGAAUGGGGAAACCCACCUCGUAAGAGGUAUCCGCAAGGAUGGGAAC
UCAGGGAACUGAAACAUCUCAGUACCUGAAGGAGAAGAAAGAGAAUUCGAUUCCGUUAGUAGCGGCGAGCGAACCCGGAU
CAGCCCAAACCGAAACGCUUGCGUUUCGGGGUUGUAGGACCAGUUUUUAAGAUUCAACCCCUCAAGCCGAAGUGGCUGGA
AAGCUACACCUCAGAAGGUGAGAGUCCUGUAGGCGAACGAGCGGUUGACUGUACUGGCACCUGAGUAGGUCGUUGUUCGU
GAAACGAUGACUGAAUCCGCGCGGACCACCGCGCAAGGCUAAAUACUCCCAGUGACCGAUAGCGCAUAGUACCGUGAGGG
AAAGGUGAAAAGAACCCCGGGAGGGGAGUGAAAGAGAACCUGAAACCGUGGACUUACAAGCAGUCAUGGCACCUUAUGCG
UGUUAUGGCGUGCCUAUUGAAGCAUGAGCCGGCGACUUAGACCUGACGUGCGAGCUUAAGUUGAAAAACGGAGGCGGAGC
GAAAGCGAGUCCGAAUAGGGCGGCAUUAGUACGUCGGGCUAGACUCGAAACCAGGUGAGCUAAGCAUGACCAGGUUGAAA
CCCCCGUGACAGGGGGCGGAGGACCGAACCGGUGCCUGCUGAAACAGUCUCGGAUGAGUUGUGUUUAGGAGUGAAAAGCU
AACCGAACCUGGAGAUAGCUAGUUCUCCCCGAAAUGUAUUGAGGUACAGCCUCGGAUGUUGACCAUGUCCUGUAGAGCAC
UCACAAGGCUAGGGGGCCUACCAGCUUACCAAACCUUAUGAAACUCCGAAGGGGCACGCGUUUAGUCCGGGAGUGAGGCU
GCGAGAGCUAACUUCCGUAGCCGAGAGGGAAACAACCCAGACCAUCAGCUAAGGUCCCUAAAUGAUCGCUCAGUGGUUAA
GGAUGUGUCGUCGCAUAGACAGCCAGGAGGUUGGCUUAGAAGCAGCCACCCUUCAAAGAGUGCGUAAUAGCUCACUGGUC
GAGUGACGAUGCGCCGAAAAUGAUCGGGGCUCAAGUGAUCUACCGAAGCUAUGGAUUCAACUCGCGAAGCGAGUUGUCUG
GUAGGGGAGCGUUCAGUCCGCGGAGAAGCCAUACCGGAAGGAGUGGUGGAGCCGACUGAAGUGCGGAUGCCGGCAUGAGU
AACGAUAAAAGAAGUGAGAAUCUUCUUCGCCGUAAGGACAAGGGUUCCUGGGGAAGGGUCGUCCGCCCAGGGAAAGUCGG
GACCUAAGGUGAGGCCGAACGGCGCAGCCGAUGGACAGCAGGUCAAGAUUCCUGCACCGAUCAUGUGGAGUGAUGGAGGG
ACGCAUUACGCUAUCCAAUGCCAAGCUAUGGCUAUGCUGGUUGGUACGCUCAAGGGCGAUCGGGUCAGAAAAUCUACCGG
UCACAUGCCUCAGACGUAUCGGGAGCUUCCUCGGAAGCGAAGUUGGAAACGCGACGGUGCCAAGAAAAGCUUCUAAACGU
UGAAACAUGAUUGCCCGUACCGCAAACCGACACAGGUGUCCGAGUGUCAAUGCACUAAGGCGCGCGAGAGAACCCUCGUU
AAGGAACUUUGCAAUCUCACCCCGUAACUUCGGAAGAAGGGGUCCCCACGCUUCGCGUGGGGCGCAGUGAAUAGGCCCAG
GCGACUGUUUACCAAAAUCACAGCACUCUGCCAACACGAACAGUGGACGUAUAGGGUGUGACGCCUGCCCGGUGCCGGAA
GGUCAAGUGGAGCGGUGCAAGCUGCGAAAUGAAGCCCCGGUGAACGGCGGCCGUAACUAUAACGGUCCUAAGGUAGCGAA
AUUCCUUGUCGGGUAAGUUCCGACCUGCACGAAAGGCGUAACGAUCUGGGCGCUGUCUCAACGAGGGACUCGGUGAAAUU
GAAUUGGCUGUAAAGAUGCGGCCUACCCGUAGCAGGACGAAAAGACCCCGUGGAGCUUUACUAUAGUCUGGCAUUGGGAU
UCGGGUUUCUCUGCGUAGGAUAGGUGGGAGCCUGCGAAACUGGCCUUUUGGGGUCGGUGGAGGCAACGGUGAAAUACCAC
CCUGAGAAACUUGGAUUUCUAACCUGAAAAAUCACUUUCGGGGACCGUGCUUGGCGGGUAGUUUGACUGGGGCGGUCGCC
UCCCAAAAUGUAACGGAGGCGCCCAAAGGUCACCUCAAGACGGUUGGAAAUCGUCUGUAGAGCGCAAAGGUAGAAGGUGG
CUUGACUGCGAGACUGACACGUCGAGCAGGGAGGAAACUCGGGCUUAGUGAACCGGUGGUACCGUGUGGAAGGGCCAUCG
AUCAACGGAUAAAAGUUACCCCGGGGAUAACAGGCUGAUCUCCCCCGAGAGUCCAUAUCGGCGGGGAGGUUUGGCACCUC
GAUGUCGGCUCGUCGCAUCCUGGGGCUGAAGAAGGUCCCAAGGGUUGGGCUGUUCGCCCAUUAAAGCGGCACGCGAGCUG
GGUUCAGAACGUCGUGAGACAGUUCGGUCUCUAUCCGCUACGGGCGCAGGAGAAUUGAGGGGAGUUGCUCCUAGUACGAG
AGGACCGGAGUGAACGGACCGCUGGUCUCCCUGCUGUCGUACCAACGGCACAUGCAGGGUAGCUAUGUCCGGAACGGAUA
ACCGCUGAAAGCAUCUAAGCGGGAAGCCAGCCCCAAGAUGAGUUCUCCCACUGUUUAUCAGGUAAGACUCCCGGAAGACC
ACCGGGUUAAGAGGCCAGGCGUGCACGCAUAGCAAUGUGUUCAGCGGACUGGUGCUCAUCAGUCGAGGUCUUGACCACUC
;
_entity_poly.pdbx_strand_id   A
#